data_9LEE
#
_entry.id   9LEE
#
_cell.length_a   1.00
_cell.length_b   1.00
_cell.length_c   1.00
_cell.angle_alpha   90.00
_cell.angle_beta   90.00
_cell.angle_gamma   90.00
#
_symmetry.space_group_name_H-M   'P 1'
#
_entity_poly.entity_id   1
_entity_poly.type   'polyribonucleotide'
_entity_poly.pdbx_seq_one_letter_code
;GGAGUAGGCGUUGCGCAUUUUGUUGCUCAAAAGGCGACGAAACGCAAGGCAAUGCACGUCUGCGAUACACGAAAACAAUG
CUAUUUGUUGAAAAUAUUGGAAUAAAGCAAAAGUCAUUGCCCGUCGCAAACGAAAGUGUGCUUCGGUAGCUAGGCUACCU
GCUAGAGUCUCGCAAGGAUAAUAGCAAAGUCAAAGAGUAAAGCAGCUUAGACCUUUAGCGGGGUUUUCGUUAAUUGAAAA
AUGGCUUAGUAGUUUGCGGCGUAACGAGUGGUUAGCGAUACUAACCGCGCAUGGUUGUUACUUGAAGGGAUUUGAGUGGA
UAAAAAACUAAAACAUAAGGUUUUGAAAGACAACUGACUAAACGUGUAAUCUCAGCGU
;
_entity_poly.pdbx_strand_id   J,A,B,C,D,E,F,G,H,I
#
loop_
_chem_comp.id
_chem_comp.type
_chem_comp.name
_chem_comp.formula
A RNA linking ADENOSINE-5'-MONOPHOSPHATE 'C10 H14 N5 O7 P'
C RNA linking CYTIDINE-5'-MONOPHOSPHATE 'C9 H14 N3 O8 P'
G RNA linking GUANOSINE-5'-MONOPHOSPHATE 'C10 H14 N5 O8 P'
U RNA linking URIDINE-5'-MONOPHOSPHATE 'C9 H13 N2 O9 P'
#